data_6QLX
#
_entry.id   6QLX
#
_cell.length_a   71.204
_cell.length_b   71.204
_cell.length_c   54.541
_cell.angle_alpha   90.000
_cell.angle_beta   90.000
_cell.angle_gamma   90.000
#
_symmetry.space_group_name_H-M   'P 43'
#
loop_
_entity.id
_entity.type
_entity.pdbx_description
1 polymer 'Cathepsin K'
2 non-polymer ~{N}-[(2~{S})-1-[(3~{R},3~{a}~{R},6~{S},6~{a}~{S})-6-fluoranyl-3-oxidanyl-2,3,3~{a},5,6,6~{a}-hexahydrofuro[3,2-b]pyrrol-4-yl]-4-methyl-1-oxidanylidene-pentan-2-yl]-4-thiophen-2-yl-benzamide
3 water water
#
_entity_poly.entity_id   1
_entity_poly.type   'polypeptide(L)'
_entity_poly.pdbx_seq_one_letter_code
;RAPDSVDYRKKGYVTPVKNQGQCGSCWAFSSVGALEGQLKKKTGKLLNLSPQNLVDCVSENDGCGGGYMTNAFQYVQKNR
GIDSEDAYPYVGQEESCMYNPTGKAAKCRGYREIPEGNEKALKRAVARVGPVSVAIDASLTSFQFYSKGVYYDESCNSDN
LNHAVLAVGYGIQKGNKHWIIKNSWGENWGNKGYILMARNKNNACGIANLASFPKM
;
_entity_poly.pdbx_strand_id   A
#
loop_
_chem_comp.id
_chem_comp.type
_chem_comp.name
_chem_comp.formula
HKH non-polymer ~{N}-[(2~{S})-1-[(3~{R},3~{a}~{R},6~{S},6~{a}~{S})-6-fluoranyl-3-oxidanyl-2,3,3~{a},5,6,6~{a}-hexahydrofuro[3,2-b]pyrrol-4-yl]-4-methyl-1-oxidanylidene-pentan-2-yl]-4-thiophen-2-yl-benzamide 'C23 H27 F N2 O4 S'
#
# COMPACT_ATOMS: atom_id res chain seq x y z
N ARG A 1 24.37 -8.47 -1.64
CA ARG A 1 23.37 -7.44 -1.36
C ARG A 1 21.99 -7.86 -1.89
N ALA A 2 21.01 -7.00 -1.67
CA ALA A 2 19.70 -7.15 -2.34
C ALA A 2 19.86 -6.92 -3.84
N PRO A 3 18.97 -7.52 -4.67
CA PRO A 3 19.00 -7.29 -6.12
C PRO A 3 18.89 -5.78 -6.48
N ASP A 4 19.51 -5.41 -7.60
CA ASP A 4 19.46 -4.05 -8.13
C ASP A 4 18.06 -3.61 -8.54
N SER A 5 17.26 -4.54 -9.03
CA SER A 5 15.85 -4.27 -9.21
C SER A 5 14.96 -5.45 -8.89
N VAL A 6 13.73 -5.14 -8.53
CA VAL A 6 12.75 -6.10 -8.07
C VAL A 6 11.40 -5.57 -8.54
N ASP A 7 10.55 -6.49 -9.00
CA ASP A 7 9.18 -6.13 -9.43
C ASP A 7 8.23 -7.28 -9.05
N TYR A 8 7.58 -7.14 -7.89
CA TYR A 8 6.65 -8.18 -7.43
C TYR A 8 5.40 -8.40 -8.29
N ARG A 9 5.10 -7.50 -9.25
CA ARG A 9 4.09 -7.78 -10.27
C ARG A 9 4.47 -8.98 -11.17
N LYS A 10 5.77 -9.12 -11.48
CA LYS A 10 6.27 -10.24 -12.29
C LYS A 10 6.25 -11.55 -11.52
N LYS A 11 6.20 -11.48 -10.18
CA LYS A 11 6.06 -12.66 -9.32
C LYS A 11 4.61 -13.05 -8.98
N GLY A 12 3.63 -12.32 -9.51
CA GLY A 12 2.21 -12.67 -9.23
C GLY A 12 1.79 -12.33 -7.80
N TYR A 13 2.41 -11.31 -7.21
CA TYR A 13 2.13 -10.89 -5.82
C TYR A 13 1.15 -9.73 -5.70
N VAL A 14 0.75 -9.15 -6.83
CA VAL A 14 0.00 -7.89 -6.80
C VAL A 14 -1.29 -8.07 -7.57
N THR A 15 -2.39 -7.71 -6.92
CA THR A 15 -3.72 -7.80 -7.50
C THR A 15 -3.96 -6.60 -8.41
N PRO A 16 -5.03 -6.64 -9.21
CA PRO A 16 -5.28 -5.44 -10.03
C PRO A 16 -5.42 -4.13 -9.23
N VAL A 17 -5.26 -3.02 -9.95
CA VAL A 17 -5.39 -1.71 -9.38
C VAL A 17 -6.87 -1.46 -9.09
N LYS A 18 -7.12 -0.90 -7.91
CA LYS A 18 -8.45 -0.59 -7.42
C LYS A 18 -8.70 0.91 -7.46
N ASN A 19 -9.97 1.29 -7.32
CA ASN A 19 -10.35 2.69 -7.24
C ASN A 19 -11.10 2.91 -5.95
N GLN A 20 -10.45 3.62 -5.04
CA GLN A 20 -11.01 3.92 -3.74
C GLN A 20 -12.18 4.94 -3.76
N GLY A 21 -12.36 5.69 -4.85
CA GLY A 21 -13.37 6.75 -4.89
C GLY A 21 -12.88 7.91 -4.06
N GLN A 22 -13.79 8.66 -3.44
CA GLN A 22 -13.37 9.84 -2.65
C GLN A 22 -13.43 9.67 -1.13
N CYS A 23 -13.93 8.52 -0.66
CA CYS A 23 -13.68 8.09 0.71
C CYS A 23 -12.17 8.15 0.99
N GLY A 24 -11.79 8.67 2.16
CA GLY A 24 -10.36 8.76 2.54
C GLY A 24 -9.87 7.41 3.06
N SER A 25 -9.95 6.39 2.23
CA SER A 25 -9.63 5.01 2.59
C SER A 25 -8.31 4.52 1.97
N CYS A 26 -7.43 5.45 1.58
CA CYS A 26 -6.11 5.08 1.02
C CYS A 26 -5.30 4.15 1.90
N TRP A 27 -5.29 4.44 3.20
CA TRP A 27 -4.67 3.58 4.23
C TRP A 27 -5.14 2.10 4.23
N ALA A 28 -6.42 1.89 3.93
CA ALA A 28 -7.02 0.56 3.89
C ALA A 28 -6.61 -0.17 2.61
N PHE A 29 -6.61 0.54 1.48
CA PHE A 29 -6.10 -0.03 0.23
C PHE A 29 -4.61 -0.32 0.33
N SER A 30 -3.86 0.58 0.94
CA SER A 30 -2.44 0.37 1.16
C SER A 30 -2.19 -0.90 1.99
N SER A 31 -2.98 -1.03 3.05
CA SER A 31 -2.83 -2.14 3.98
C SER A 31 -3.19 -3.49 3.34
N VAL A 32 -4.28 -3.52 2.57
CA VAL A 32 -4.67 -4.77 1.92
C VAL A 32 -3.64 -5.21 0.87
N GLY A 33 -3.00 -4.25 0.20
CA GLY A 33 -1.99 -4.60 -0.80
C GLY A 33 -0.82 -5.30 -0.16
N ALA A 34 -0.34 -4.76 0.96
CA ALA A 34 0.74 -5.38 1.71
C ALA A 34 0.34 -6.80 2.14
N LEU A 35 -0.87 -6.92 2.66
CA LEU A 35 -1.41 -8.21 3.09
C LEU A 35 -1.54 -9.19 1.95
N GLU A 36 -2.03 -8.71 0.80
CA GLU A 36 -2.14 -9.53 -0.41
C GLU A 36 -0.84 -10.17 -0.87
N GLY A 37 0.24 -9.40 -0.77
CA GLY A 37 1.57 -9.86 -1.16
C GLY A 37 2.05 -10.94 -0.22
N GLN A 38 1.86 -10.73 1.08
CA GLN A 38 2.26 -11.73 2.08
C GLN A 38 1.42 -13.03 2.03
N LEU A 39 0.12 -12.92 1.76
CA LEU A 39 -0.73 -14.09 1.56
C LEU A 39 -0.29 -14.92 0.35
N LYS A 40 0.03 -14.26 -0.77
CA LYS A 40 0.57 -14.97 -1.95
C LYS A 40 1.83 -15.76 -1.61
N LYS A 41 2.75 -15.11 -0.92
CA LYS A 41 3.99 -15.73 -0.48
C LYS A 41 3.73 -16.93 0.42
N LYS A 42 2.77 -16.78 1.33
CA LYS A 42 2.42 -17.83 2.28
C LYS A 42 1.70 -19.01 1.65
N THR A 43 0.68 -18.75 0.86
CA THR A 43 -0.24 -19.79 0.39
C THR A 43 -0.13 -20.13 -1.10
N GLY A 44 0.57 -19.31 -1.87
CA GLY A 44 0.63 -19.46 -3.32
C GLY A 44 -0.58 -18.87 -4.06
N LYS A 45 -1.57 -18.33 -3.34
CA LYS A 45 -2.78 -17.80 -3.98
C LYS A 45 -2.81 -16.27 -3.93
N LEU A 46 -3.11 -15.64 -5.07
CA LEU A 46 -3.32 -14.21 -5.17
C LEU A 46 -4.82 -13.98 -5.07
N LEU A 47 -5.27 -13.19 -4.10
CA LEU A 47 -6.67 -12.74 -4.08
C LEU A 47 -6.92 -11.38 -3.43
N ASN A 48 -8.07 -10.80 -3.73
CA ASN A 48 -8.41 -9.48 -3.21
C ASN A 48 -8.87 -9.57 -1.76
N LEU A 49 -8.19 -8.84 -0.87
CA LEU A 49 -8.63 -8.71 0.54
C LEU A 49 -9.54 -7.47 0.67
N SER A 50 -10.27 -7.36 1.79
CA SER A 50 -11.35 -6.36 1.93
C SER A 50 -10.92 -5.04 2.58
N PRO A 51 -10.71 -3.97 1.78
CA PRO A 51 -10.53 -2.66 2.41
C PRO A 51 -11.72 -2.17 3.24
N GLN A 52 -12.94 -2.51 2.84
CA GLN A 52 -14.14 -2.11 3.59
C GLN A 52 -14.11 -2.67 5.01
N ASN A 53 -13.72 -3.93 5.12
CA ASN A 53 -13.53 -4.60 6.42
C ASN A 53 -12.67 -3.69 7.30
N LEU A 54 -11.57 -3.18 6.76
CA LEU A 54 -10.69 -2.29 7.53
C LEU A 54 -11.40 -0.96 7.82
N VAL A 55 -12.08 -0.38 6.82
CA VAL A 55 -12.79 0.90 6.98
C VAL A 55 -13.82 0.84 8.11
N ASP A 56 -14.62 -0.22 8.13
CA ASP A 56 -15.75 -0.36 9.07
C ASP A 56 -15.34 -0.79 10.47
N CYS A 57 -14.22 -1.50 10.58
CA CYS A 57 -13.91 -2.25 11.78
C CYS A 57 -12.66 -1.79 12.54
N VAL A 58 -11.76 -1.04 11.91
CA VAL A 58 -10.54 -0.55 12.58
C VAL A 58 -10.95 0.70 13.37
N SER A 59 -11.46 0.45 14.58
CA SER A 59 -11.92 1.49 15.49
C SER A 59 -10.82 2.49 15.91
N GLU A 60 -9.56 2.07 15.84
CA GLU A 60 -8.41 2.97 16.04
C GLU A 60 -8.14 3.98 14.90
N ASN A 61 -8.68 3.74 13.71
CA ASN A 61 -8.62 4.69 12.60
C ASN A 61 -9.99 5.38 12.50
N ASP A 62 -10.15 6.26 11.50
CA ASP A 62 -11.36 7.06 11.35
C ASP A 62 -12.08 6.83 9.99
N GLY A 63 -12.06 5.60 9.50
CA GLY A 63 -12.83 5.21 8.31
C GLY A 63 -12.48 6.01 7.07
N CYS A 64 -13.48 6.64 6.47
CA CYS A 64 -13.31 7.58 5.37
C CYS A 64 -12.67 8.93 5.77
N GLY A 65 -12.46 9.17 7.06
CA GLY A 65 -11.65 10.30 7.53
C GLY A 65 -10.16 10.04 7.59
N GLY A 66 -9.76 8.79 7.33
CA GLY A 66 -8.35 8.43 7.27
C GLY A 66 -7.90 7.50 8.38
N GLY A 67 -6.68 7.02 8.24
CA GLY A 67 -6.09 6.11 9.18
C GLY A 67 -4.63 5.84 8.93
N TYR A 68 -4.02 5.11 9.85
CA TYR A 68 -2.67 4.55 9.70
C TYR A 68 -2.72 3.07 9.32
N MET A 69 -1.76 2.64 8.51
CA MET A 69 -1.68 1.23 8.10
C MET A 69 -1.32 0.33 9.29
N THR A 70 -0.49 0.84 10.20
CA THR A 70 -0.04 0.06 11.37
C THR A 70 -1.23 -0.34 12.23
N ASN A 71 -2.13 0.62 12.46
CA ASN A 71 -3.42 0.34 13.12
C ASN A 71 -4.23 -0.79 12.45
N ALA A 72 -4.21 -0.82 11.12
CA ALA A 72 -4.95 -1.80 10.34
C ALA A 72 -4.34 -3.21 10.50
N PHE A 73 -3.02 -3.28 10.41
CA PHE A 73 -2.32 -4.54 10.64
C PHE A 73 -2.63 -5.07 12.06
N GLN A 74 -2.54 -4.19 13.04
CA GLN A 74 -2.85 -4.55 14.41
C GLN A 74 -4.27 -5.07 14.57
N TYR A 75 -5.23 -4.47 13.87
CA TYR A 75 -6.60 -4.95 13.91
C TYR A 75 -6.68 -6.38 13.32
N VAL A 76 -6.05 -6.62 12.17
CA VAL A 76 -6.13 -7.94 11.56
C VAL A 76 -5.52 -8.96 12.51
N GLN A 77 -4.44 -8.58 13.19
CA GLN A 77 -3.86 -9.42 14.22
C GLN A 77 -4.81 -9.74 15.39
N LYS A 78 -5.33 -8.72 16.06
CA LYS A 78 -6.20 -8.91 17.22
C LYS A 78 -7.53 -9.60 16.88
N ASN A 79 -8.08 -9.29 15.70
CA ASN A 79 -9.31 -9.88 15.18
C ASN A 79 -9.14 -11.35 14.78
N ARG A 80 -7.90 -11.81 14.61
CA ARG A 80 -7.59 -13.13 14.06
C ARG A 80 -8.10 -13.33 12.62
N GLY A 81 -8.18 -12.25 11.85
CA GLY A 81 -8.46 -12.38 10.42
C GLY A 81 -8.94 -11.13 9.73
N ILE A 82 -8.88 -11.18 8.41
CA ILE A 82 -9.47 -10.19 7.53
C ILE A 82 -10.25 -10.93 6.49
N ASP A 83 -11.41 -10.39 6.11
CA ASP A 83 -12.22 -10.96 5.04
C ASP A 83 -11.64 -10.68 3.65
N SER A 84 -12.08 -11.50 2.72
CA SER A 84 -11.85 -11.30 1.29
CA SER A 84 -11.83 -11.29 1.30
C SER A 84 -12.74 -10.17 0.81
N GLU A 85 -12.35 -9.56 -0.30
CA GLU A 85 -13.17 -8.56 -0.99
C GLU A 85 -14.51 -9.18 -1.39
N ASP A 86 -14.48 -10.41 -1.89
CA ASP A 86 -15.74 -11.09 -2.28
C ASP A 86 -16.72 -11.22 -1.13
N ALA A 87 -16.23 -11.62 0.04
CA ALA A 87 -17.07 -11.77 1.20
C ALA A 87 -17.48 -10.43 1.85
N TYR A 88 -16.69 -9.38 1.65
CA TYR A 88 -16.94 -8.08 2.30
C TYR A 88 -16.64 -6.96 1.30
N PRO A 89 -17.55 -6.71 0.36
CA PRO A 89 -17.18 -5.87 -0.79
C PRO A 89 -17.10 -4.35 -0.50
N TYR A 90 -16.38 -3.64 -1.37
CA TYR A 90 -16.13 -2.21 -1.16
C TYR A 90 -17.35 -1.42 -1.60
N VAL A 91 -17.85 -0.53 -0.73
CA VAL A 91 -18.95 0.41 -1.08
C VAL A 91 -18.57 1.91 -0.95
N GLY A 92 -17.35 2.19 -0.51
CA GLY A 92 -16.84 3.56 -0.47
C GLY A 92 -17.48 4.55 0.48
N GLN A 93 -18.15 4.05 1.51
CA GLN A 93 -18.64 4.87 2.63
C GLN A 93 -18.54 4.05 3.93
N GLU A 94 -18.64 4.73 5.07
CA GLU A 94 -18.54 4.07 6.37
CA GLU A 94 -18.54 4.08 6.38
C GLU A 94 -19.83 3.34 6.70
N GLU A 95 -19.71 2.14 7.25
CA GLU A 95 -20.86 1.37 7.75
C GLU A 95 -20.39 0.73 9.05
N SER A 96 -21.34 0.15 9.76
CA SER A 96 -21.04 -0.58 10.98
C SER A 96 -20.27 -1.85 10.59
N CYS A 97 -19.44 -2.33 11.52
CA CYS A 97 -18.60 -3.49 11.25
C CYS A 97 -19.43 -4.77 11.00
N MET A 98 -19.21 -5.43 9.86
CA MET A 98 -19.91 -6.66 9.46
CA MET A 98 -19.91 -6.68 9.51
C MET A 98 -18.91 -7.79 9.16
N TYR A 99 -17.75 -7.76 9.83
CA TYR A 99 -16.77 -8.83 9.68
C TYR A 99 -17.43 -10.15 9.96
N ASN A 100 -17.18 -11.14 9.10
CA ASN A 100 -17.71 -12.50 9.26
C ASN A 100 -16.52 -13.47 9.19
N PRO A 101 -16.22 -14.19 10.31
CA PRO A 101 -15.02 -15.05 10.33
C PRO A 101 -15.07 -16.20 9.33
N THR A 102 -16.28 -16.56 8.87
CA THR A 102 -16.46 -17.57 7.85
C THR A 102 -15.86 -17.15 6.49
N GLY A 103 -15.83 -15.85 6.19
CA GLY A 103 -15.15 -15.35 4.96
C GLY A 103 -13.68 -14.98 5.10
N LYS A 104 -13.04 -15.39 6.19
CA LYS A 104 -11.62 -15.10 6.49
C LYS A 104 -10.73 -15.60 5.37
N ALA A 105 -9.90 -14.71 4.83
CA ALA A 105 -8.94 -15.02 3.78
C ALA A 105 -7.48 -14.87 4.21
N ALA A 106 -7.21 -14.16 5.31
CA ALA A 106 -5.84 -13.99 5.76
C ALA A 106 -5.77 -13.64 7.25
N LYS A 107 -4.62 -13.95 7.85
CA LYS A 107 -4.28 -13.53 9.19
C LYS A 107 -3.01 -12.65 9.18
N CYS A 108 -2.69 -12.07 10.32
CA CYS A 108 -1.54 -11.21 10.51
C CYS A 108 -0.88 -11.50 11.86
N ARG A 109 0.45 -11.57 11.88
CA ARG A 109 1.22 -11.85 13.09
C ARG A 109 1.97 -10.61 13.58
N GLY A 110 1.34 -9.44 13.46
CA GLY A 110 1.95 -8.16 13.82
C GLY A 110 2.51 -7.48 12.60
N TYR A 111 3.42 -6.55 12.83
CA TYR A 111 3.96 -5.74 11.76
C TYR A 111 5.36 -5.22 12.14
N ARG A 112 6.11 -4.75 11.15
CA ARG A 112 7.41 -4.09 11.35
C ARG A 112 7.41 -2.74 10.63
N GLU A 113 8.11 -1.76 11.20
CA GLU A 113 8.23 -0.42 10.65
C GLU A 113 9.64 -0.21 10.09
N ILE A 114 9.74 0.32 8.87
CA ILE A 114 11.06 0.63 8.31
C ILE A 114 11.62 1.86 9.06
N PRO A 115 12.94 1.83 9.45
CA PRO A 115 13.60 2.98 10.08
C PRO A 115 13.33 4.26 9.32
N GLU A 116 12.90 5.29 10.04
CA GLU A 116 12.40 6.50 9.42
C GLU A 116 13.39 7.16 8.48
N GLY A 117 12.89 7.43 7.27
CA GLY A 117 13.65 8.10 6.25
C GLY A 117 14.76 7.28 5.64
N ASN A 118 14.79 5.97 5.89
CA ASN A 118 15.92 5.14 5.44
C ASN A 118 15.57 4.36 4.17
N GLU A 119 15.94 4.93 3.03
CA GLU A 119 15.63 4.34 1.71
C GLU A 119 16.38 3.04 1.43
N LYS A 120 17.58 2.87 1.98
CA LYS A 120 18.30 1.58 1.87
C LYS A 120 17.54 0.47 2.63
N ALA A 121 17.15 0.74 3.87
CA ALA A 121 16.33 -0.20 4.64
C ALA A 121 15.01 -0.50 3.94
N LEU A 122 14.35 0.53 3.41
CA LEU A 122 13.11 0.31 2.66
C LEU A 122 13.37 -0.62 1.46
N LYS A 123 14.44 -0.35 0.74
CA LYS A 123 14.84 -1.18 -0.40
C LYS A 123 15.05 -2.65 -0.01
N ARG A 124 15.77 -2.87 1.08
CA ARG A 124 16.06 -4.23 1.54
C ARG A 124 14.81 -4.98 2.07
N ALA A 125 13.87 -4.26 2.68
CA ALA A 125 12.60 -4.86 3.12
C ALA A 125 11.76 -5.30 1.91
N VAL A 126 11.65 -4.42 0.91
CA VAL A 126 10.93 -4.78 -0.32
C VAL A 126 11.52 -6.07 -0.91
N ALA A 127 12.84 -6.06 -1.08
CA ALA A 127 13.57 -7.22 -1.63
C ALA A 127 13.36 -8.53 -0.84
N ARG A 128 13.28 -8.41 0.49
CA ARG A 128 13.24 -9.59 1.35
C ARG A 128 11.81 -10.08 1.58
N VAL A 129 10.85 -9.16 1.75
CA VAL A 129 9.48 -9.55 2.13
C VAL A 129 8.46 -9.52 0.99
N GLY A 130 8.46 -8.46 0.18
CA GLY A 130 7.40 -8.22 -0.78
C GLY A 130 6.95 -6.77 -0.74
N PRO A 131 5.78 -6.48 -1.35
CA PRO A 131 5.22 -5.12 -1.29
C PRO A 131 5.14 -4.53 0.14
N VAL A 132 5.48 -3.24 0.29
CA VAL A 132 5.52 -2.54 1.58
C VAL A 132 4.59 -1.31 1.51
N SER A 133 3.74 -1.17 2.52
CA SER A 133 2.84 -0.03 2.62
C SER A 133 3.68 1.22 2.87
N VAL A 134 3.49 2.26 2.07
CA VAL A 134 4.21 3.54 2.24
C VAL A 134 3.27 4.74 2.28
N ALA A 135 3.68 5.79 2.98
CA ALA A 135 3.05 7.10 2.93
C ALA A 135 3.91 8.13 2.20
N ILE A 136 3.23 9.00 1.44
CA ILE A 136 3.88 10.06 0.68
C ILE A 136 3.08 11.37 0.70
N ASP A 137 3.78 12.40 0.25
CA ASP A 137 3.19 13.66 -0.17
C ASP A 137 2.78 13.44 -1.63
N ALA A 138 1.47 13.43 -1.88
CA ALA A 138 0.87 13.36 -3.20
C ALA A 138 0.07 14.62 -3.52
N SER A 139 0.33 15.70 -2.78
CA SER A 139 -0.46 16.95 -2.86
C SER A 139 -0.14 17.83 -4.08
N LEU A 140 1.05 17.69 -4.67
CA LEU A 140 1.40 18.52 -5.84
C LEU A 140 0.56 18.11 -7.04
N THR A 141 0.12 19.09 -7.83
CA THR A 141 -0.55 18.79 -9.08
C THR A 141 0.38 18.00 -10.04
N SER A 142 1.70 18.22 -9.95
CA SER A 142 2.66 17.46 -10.74
C SER A 142 2.59 15.93 -10.46
N PHE A 143 2.42 15.54 -9.19
CA PHE A 143 2.14 14.14 -8.86
C PHE A 143 0.84 13.65 -9.47
N GLN A 144 -0.23 14.42 -9.26
CA GLN A 144 -1.57 14.02 -9.68
C GLN A 144 -1.75 13.94 -11.22
N PHE A 145 -1.04 14.76 -11.99
CA PHE A 145 -1.04 14.62 -13.47
C PHE A 145 0.05 13.64 -14.02
N TYR A 146 0.74 12.89 -13.17
CA TYR A 146 1.77 11.96 -13.65
C TYR A 146 1.26 11.08 -14.79
N SER A 147 2.10 10.96 -15.82
CA SER A 147 1.84 10.11 -16.97
C SER A 147 2.98 9.08 -17.14
N LYS A 148 4.25 9.52 -17.07
CA LYS A 148 5.39 8.63 -17.34
C LYS A 148 6.72 9.17 -16.81
N GLY A 149 7.77 8.35 -16.88
CA GLY A 149 9.08 8.75 -16.38
C GLY A 149 9.18 8.45 -14.89
N VAL A 150 10.29 8.88 -14.30
CA VAL A 150 10.52 8.79 -12.87
C VAL A 150 10.16 10.15 -12.24
N TYR A 151 9.15 10.14 -11.37
CA TYR A 151 8.58 11.36 -10.80
C TYR A 151 9.51 11.98 -9.76
N TYR A 152 9.79 13.26 -9.96
CA TYR A 152 10.60 14.03 -9.03
C TYR A 152 10.19 15.48 -9.11
N ASP A 153 9.93 16.07 -7.95
CA ASP A 153 9.58 17.48 -7.84
C ASP A 153 10.17 18.02 -6.55
N GLU A 154 11.01 19.07 -6.65
CA GLU A 154 11.73 19.65 -5.50
C GLU A 154 10.80 20.29 -4.47
N SER A 155 9.58 20.59 -4.89
CA SER A 155 8.56 21.09 -3.99
C SER A 155 7.91 20.01 -3.13
N CYS A 156 8.24 18.72 -3.36
CA CYS A 156 7.65 17.68 -2.53
C CYS A 156 8.16 17.87 -1.10
N ASN A 157 7.24 17.74 -0.15
CA ASN A 157 7.52 18.02 1.25
C ASN A 157 7.44 16.68 1.99
N SER A 158 8.61 16.15 2.35
CA SER A 158 8.68 14.85 3.00
C SER A 158 8.01 14.79 4.39
N ASP A 159 7.77 15.94 5.01
CA ASP A 159 6.97 16.04 6.23
C ASP A 159 5.45 16.12 6.03
N ASN A 160 5.01 16.26 4.77
CA ASN A 160 3.59 16.34 4.45
C ASN A 160 3.07 15.00 3.96
N LEU A 161 2.74 14.11 4.89
CA LEU A 161 2.29 12.78 4.53
C LEU A 161 0.77 12.82 4.47
N ASN A 162 0.27 12.77 3.24
CA ASN A 162 -1.18 12.97 2.92
C ASN A 162 -1.81 11.89 2.03
N HIS A 163 -1.08 10.80 1.77
CA HIS A 163 -1.60 9.70 0.97
C HIS A 163 -0.82 8.45 1.33
N ALA A 164 -1.45 7.30 1.15
CA ALA A 164 -0.84 6.00 1.39
C ALA A 164 -1.00 5.13 0.16
N VAL A 165 0.12 4.53 -0.23
CA VAL A 165 0.22 3.73 -1.44
C VAL A 165 1.03 2.47 -1.12
N LEU A 166 1.48 1.76 -2.15
CA LEU A 166 2.18 0.49 -1.97
C LEU A 166 3.42 0.45 -2.86
N ALA A 167 4.56 0.15 -2.25
CA ALA A 167 5.81 -0.04 -2.97
C ALA A 167 5.88 -1.50 -3.37
N VAL A 168 5.75 -1.81 -4.67
CA VAL A 168 5.71 -3.20 -5.15
C VAL A 168 7.05 -3.63 -5.75
N GLY A 169 8.00 -2.70 -5.85
CA GLY A 169 9.33 -3.01 -6.36
C GLY A 169 10.14 -1.75 -6.48
N TYR A 170 11.31 -1.89 -7.09
CA TYR A 170 12.19 -0.76 -7.37
C TYR A 170 13.13 -1.12 -8.51
N GLY A 171 13.80 -0.12 -9.04
CA GLY A 171 14.74 -0.33 -10.13
C GLY A 171 15.25 0.97 -10.69
N ILE A 172 15.20 1.08 -12.01
CA ILE A 172 15.87 2.16 -12.70
C ILE A 172 15.29 2.32 -14.12
N GLN A 173 15.26 3.58 -14.58
CA GLN A 173 14.74 3.92 -15.91
C GLN A 173 15.49 5.15 -16.42
N LYS A 174 16.14 4.99 -17.57
CA LYS A 174 17.06 5.98 -18.13
C LYS A 174 18.07 6.54 -17.13
N GLY A 175 18.60 5.66 -16.28
CA GLY A 175 19.58 6.04 -15.29
C GLY A 175 18.99 6.56 -14.00
N ASN A 176 17.67 6.73 -13.93
CA ASN A 176 17.02 7.31 -12.75
C ASN A 176 16.47 6.17 -11.88
N LYS A 177 17.05 6.03 -10.69
CA LYS A 177 16.60 5.02 -9.74
C LYS A 177 15.20 5.36 -9.29
N HIS A 178 14.39 4.33 -9.08
CA HIS A 178 12.99 4.55 -8.76
C HIS A 178 12.39 3.52 -7.83
N TRP A 179 11.25 3.88 -7.24
CA TRP A 179 10.34 2.97 -6.56
C TRP A 179 9.15 2.76 -7.47
N ILE A 180 8.63 1.53 -7.48
CA ILE A 180 7.47 1.20 -8.27
C ILE A 180 6.25 1.27 -7.35
N ILE A 181 5.35 2.21 -7.62
CA ILE A 181 4.31 2.56 -6.70
C ILE A 181 2.93 2.24 -7.25
N LYS A 182 2.20 1.36 -6.56
CA LYS A 182 0.78 1.07 -6.89
C LYS A 182 -0.11 2.09 -6.20
N ASN A 183 -0.84 2.87 -6.98
CA ASN A 183 -1.83 3.80 -6.40
C ASN A 183 -3.22 3.09 -6.37
N SER A 184 -4.19 3.73 -5.73
CA SER A 184 -5.57 3.26 -5.63
C SER A 184 -6.57 4.30 -6.15
N TRP A 185 -6.19 4.94 -7.25
CA TRP A 185 -7.06 5.89 -7.98
C TRP A 185 -7.50 5.37 -9.37
N GLY A 186 -7.50 4.05 -9.52
CA GLY A 186 -8.00 3.38 -10.74
C GLY A 186 -6.93 3.24 -11.80
N GLU A 187 -7.21 2.40 -12.80
CA GLU A 187 -6.27 2.11 -13.88
C GLU A 187 -6.05 3.28 -14.82
N ASN A 188 -7.02 4.19 -14.93
CA ASN A 188 -6.87 5.37 -15.76
C ASN A 188 -5.99 6.46 -15.14
N TRP A 189 -5.62 6.33 -13.87
CA TRP A 189 -4.68 7.25 -13.27
C TRP A 189 -3.25 6.80 -13.61
N GLY A 190 -2.37 7.74 -13.86
CA GLY A 190 -0.98 7.45 -14.08
C GLY A 190 -0.72 6.50 -15.24
N ASN A 191 0.20 5.56 -15.04
CA ASN A 191 0.48 4.56 -16.05
C ASN A 191 -0.17 3.27 -15.60
N LYS A 192 -1.42 3.05 -16.03
CA LYS A 192 -2.19 1.85 -15.69
CA LYS A 192 -2.23 1.87 -15.69
C LYS A 192 -2.39 1.71 -14.17
N GLY A 193 -2.43 2.85 -13.46
CA GLY A 193 -2.60 2.89 -12.00
C GLY A 193 -1.33 3.04 -11.18
N TYR A 194 -0.18 3.04 -11.87
CA TYR A 194 1.14 3.04 -11.25
C TYR A 194 1.90 4.34 -11.51
N ILE A 195 2.89 4.58 -10.66
CA ILE A 195 3.83 5.69 -10.83
C ILE A 195 5.22 5.20 -10.39
N LEU A 196 6.24 5.62 -11.14
CA LEU A 196 7.61 5.44 -10.74
C LEU A 196 8.02 6.73 -10.04
N MET A 197 8.50 6.62 -8.79
CA MET A 197 8.87 7.77 -7.97
C MET A 197 10.36 7.71 -7.67
N ALA A 198 11.01 8.87 -7.71
CA ALA A 198 12.45 8.97 -7.50
C ALA A 198 12.92 8.27 -6.22
N ARG A 199 13.98 7.47 -6.36
CA ARG A 199 14.58 6.71 -5.27
C ARG A 199 16.00 7.19 -5.04
N ASN A 200 16.41 7.23 -3.77
CA ASN A 200 17.68 7.82 -3.33
C ASN A 200 17.95 9.28 -3.79
N LYS A 201 16.88 10.09 -3.89
CA LYS A 201 16.97 11.54 -4.09
C LYS A 201 16.44 12.21 -2.82
N ASN A 202 17.23 12.10 -1.75
CA ASN A 202 16.90 12.60 -0.40
C ASN A 202 15.46 12.31 0.07
N ASN A 203 15.07 11.05 0.02
CA ASN A 203 13.79 10.65 0.57
C ASN A 203 12.68 11.50 -0.02
N ALA A 204 12.65 11.55 -1.36
CA ALA A 204 11.69 12.36 -2.11
C ALA A 204 10.25 12.03 -1.75
N CYS A 205 9.47 13.08 -1.47
CA CYS A 205 8.06 12.96 -1.06
C CYS A 205 7.84 12.14 0.21
N GLY A 206 8.87 12.01 1.05
CA GLY A 206 8.77 11.25 2.30
C GLY A 206 8.51 9.76 2.14
N ILE A 207 8.88 9.23 0.98
CA ILE A 207 8.64 7.83 0.63
C ILE A 207 9.03 6.83 1.73
N ALA A 208 10.17 7.03 2.38
CA ALA A 208 10.62 6.15 3.48
C ALA A 208 10.28 6.62 4.93
N ASN A 209 9.36 7.58 5.09
CA ASN A 209 9.08 8.14 6.42
C ASN A 209 8.04 7.38 7.25
N LEU A 210 7.07 6.73 6.61
CA LEU A 210 6.05 5.96 7.34
C LEU A 210 5.75 4.67 6.61
N ALA A 211 6.78 3.84 6.50
CA ALA A 211 6.68 2.56 5.79
C ALA A 211 6.62 1.39 6.77
N SER A 212 5.78 0.41 6.42
CA SER A 212 5.52 -0.73 7.30
C SER A 212 5.06 -1.89 6.47
N PHE A 213 5.27 -3.11 6.98
CA PHE A 213 4.69 -4.30 6.38
C PHE A 213 4.15 -5.27 7.44
N PRO A 214 3.13 -6.06 7.07
CA PRO A 214 2.57 -7.07 7.99
C PRO A 214 3.41 -8.36 7.94
N LYS A 215 3.50 -9.04 9.08
CA LYS A 215 4.01 -10.40 9.16
C LYS A 215 2.83 -11.33 8.99
N MET A 216 3.12 -12.53 8.50
CA MET A 216 2.16 -13.58 8.29
C MET A 216 2.81 -14.93 8.54
C2 HKH B . -6.41 12.02 3.72
C3 HKH B . -6.99 11.04 2.74
O4 HKH B . -6.38 11.14 1.45
C8 HKH B . -5.59 9.97 1.15
C9 HKH B . -5.11 11.37 4.11
C11 HKH B . -5.09 9.04 5.11
C13 HKH B . -3.85 9.25 5.93
C14 HKH B . -2.79 8.23 5.54
C15 HKH B . -1.44 8.50 6.18
C20 HKH B . -4.91 10.02 8.01
C22 HKH B . -5.27 9.69 9.44
C24 HKH B . -4.75 8.62 11.55
C27 HKH B . -6.47 10.12 9.97
C30 HKH B . -6.27 8.03 15.74
C31 HKH B . -7.63 8.14 15.53
F1 HKH B . -7.18 12.12 4.86
C6 HKH B . -6.13 8.91 2.06
O7 HKH B . -7.26 8.36 1.37
C5 HKH B . -6.61 9.67 3.28
N10 HKH B . -5.51 9.96 4.22
O12 HKH B . -5.71 8.01 5.31
C17 HKH B . -0.67 9.61 5.47
C18 HKH B . -0.58 7.24 6.13
N19 HKH B . -4.16 9.13 7.34
O21 HKH B . -5.34 11.04 7.47
C26 HKH B . -6.82 9.80 11.28
C25 HKH B . -5.96 9.05 12.08
C23 HKH B . -4.41 8.94 10.25
C28 HKH B . -6.27 8.67 13.49
S32 HKH B . -7.93 8.61 13.91
C29 HKH B . -5.50 8.31 14.60
#